data_6I3G
#
_entry.id   6I3G
#
_cell.length_a   45.525
_cell.length_b   106.094
_cell.length_c   109.515
_cell.angle_alpha   90.00
_cell.angle_beta   90.00
_cell.angle_gamma   90.00
#
_symmetry.space_group_name_H-M   'P 21 21 21'
#
loop_
_entity.id
_entity.type
_entity.pdbx_description
1 polymer 'ABC transporter, substrate-binding protein, family 5'
2 non-polymer 'IODIDE ION'
3 non-polymer 'SULFATE ION'
4 water water
#
_entity_poly.entity_id   1
_entity_poly.type   'polypeptide(L)'
_entity_poly.pdbx_seq_one_letter_code
;MGSSHHHHHHSSGLEVLFQGPAGAFANVKEDSLASNIVYAPLYTYEKGNLVNYLAEKVDFKDSKELTIKLKSNLKWHDGK
PITAEDVLFTFNTVLDEKQNSPSRQYLLVGEKPVKVEKIDDLTVKITLPTASESFLYGISKISPIPKHVFEGESNIAKSE
KNNNPVGSGAFKFKEWKKGESIVFEKNADYFGGEPKADSIALKIIPNEASQEAALNNGEISLMKTSAEGYEKAKSNSNLQ
TYTYSEERLNYIVFNQNISNMANKEVRQALSYALNRNEMIESAYGKEGSVPAKSILVPEADFYTEEGVEGYDQDTNKAKD
LLDKSGVKIDKLKIGYNTGRFGHKNYALVAQQELKKIGIEAEIVPYESKAFFNILFSNSTECDMYVNGYAWGLEPNPYRG
MFETGQYCNQTKYSNAEIDALWEKGFTELNKEKREEIYKQIQQDISKDAPIYTIDYEQNLMAAQKNLKGIKDAKPSPAIL
FEDWSKLYVE
;
_entity_poly.pdbx_strand_id   A
#
# COMPACT_ATOMS: atom_id res chain seq x y z
N SER A 12 -14.12 24.69 14.32
CA SER A 12 -14.21 23.21 14.42
C SER A 12 -13.98 22.60 13.03
N GLY A 13 -12.85 22.97 12.38
CA GLY A 13 -12.41 22.43 11.08
C GLY A 13 -11.01 21.82 11.14
N LEU A 14 -10.75 20.71 10.47
CA LEU A 14 -9.40 20.09 10.38
C LEU A 14 -8.62 20.70 9.23
N GLU A 15 -7.30 20.83 9.40
CA GLU A 15 -6.36 21.28 8.34
C GLU A 15 -5.20 20.29 8.38
N VAL A 16 -4.90 19.72 7.22
CA VAL A 16 -4.00 18.55 7.09
C VAL A 16 -2.96 18.98 6.07
N LEU A 17 -1.68 18.87 6.41
CA LEU A 17 -0.59 19.11 5.42
C LEU A 17 -0.74 18.04 4.33
N PHE A 18 -1.00 18.47 3.10
CA PHE A 18 -1.03 17.55 1.95
C PHE A 18 0.35 17.47 1.31
N GLN A 19 0.97 16.30 1.33
CA GLN A 19 2.29 16.04 0.70
C GLN A 19 2.06 15.15 -0.53
N GLY A 20 2.27 15.68 -1.74
CA GLY A 20 2.05 14.92 -2.98
C GLY A 20 1.92 15.81 -4.20
N PRO A 21 1.37 15.29 -5.33
CA PRO A 21 1.24 16.06 -6.58
C PRO A 21 0.48 17.38 -6.39
N ALA A 22 1.04 18.49 -6.89
CA ALA A 22 0.49 19.86 -6.80
C ALA A 22 -0.95 19.90 -7.31
N GLY A 23 -1.19 19.19 -8.43
CA GLY A 23 -2.49 19.05 -9.12
C GLY A 23 -3.13 17.69 -8.87
N ALA A 24 -2.94 17.13 -7.68
CA ALA A 24 -3.72 15.99 -7.12
C ALA A 24 -5.12 16.49 -6.72
N PHE A 25 -5.20 17.77 -6.31
CA PHE A 25 -6.44 18.48 -5.92
C PHE A 25 -7.30 18.79 -7.14
N ALA A 26 -6.68 19.07 -8.30
CA ALA A 26 -7.33 19.34 -9.61
C ALA A 26 -8.20 18.13 -10.03
N ASN A 27 -7.83 16.93 -9.61
CA ASN A 27 -8.57 15.67 -9.86
C ASN A 27 -8.57 14.82 -8.58
N VAL A 28 -9.58 15.04 -7.73
CA VAL A 28 -9.73 14.37 -6.39
C VAL A 28 -9.80 12.86 -6.54
N LYS A 29 -10.43 12.33 -7.61
CA LYS A 29 -10.56 10.85 -7.83
C LYS A 29 -9.18 10.25 -8.16
N GLU A 30 -8.23 11.08 -8.64
CA GLU A 30 -6.86 10.68 -9.05
C GLU A 30 -5.94 10.53 -7.83
N ASP A 31 -6.37 10.97 -6.64
CA ASP A 31 -5.53 11.01 -5.41
C ASP A 31 -6.20 10.15 -4.32
N SER A 32 -5.54 9.07 -3.84
CA SER A 32 -6.17 8.14 -2.88
C SER A 32 -6.52 8.86 -1.56
N LEU A 33 -5.83 9.93 -1.16
CA LEU A 33 -6.22 10.65 0.10
C LEU A 33 -7.55 11.39 -0.13
N ALA A 34 -7.62 12.31 -1.09
CA ALA A 34 -8.83 13.12 -1.34
C ALA A 34 -9.98 12.20 -1.78
N SER A 35 -9.69 11.16 -2.55
CA SER A 35 -10.70 10.23 -3.10
C SER A 35 -11.49 9.60 -1.96
N ASN A 36 -10.78 9.11 -0.93
CA ASN A 36 -11.43 8.44 0.22
C ASN A 36 -12.12 9.48 1.12
N ILE A 37 -11.84 10.78 1.03
CA ILE A 37 -12.64 11.77 1.81
C ILE A 37 -14.02 11.87 1.17
N VAL A 38 -14.03 11.87 -0.17
CA VAL A 38 -15.23 12.21 -1.00
C VAL A 38 -16.06 10.96 -1.30
N TYR A 39 -15.43 9.80 -1.50
CA TYR A 39 -16.09 8.53 -1.93
C TYR A 39 -15.95 7.47 -0.84
N ALA A 40 -17.07 7.10 -0.22
CA ALA A 40 -17.17 6.01 0.77
C ALA A 40 -17.00 4.65 0.10
N PRO A 41 -16.42 3.66 0.80
CA PRO A 41 -16.38 2.30 0.27
C PRO A 41 -17.72 1.64 0.57
N LEU A 42 -17.94 0.46 -0.01
CA LEU A 42 -19.06 -0.45 0.39
C LEU A 42 -18.74 -0.99 1.77
N TYR A 43 -17.51 -1.46 1.96
CA TYR A 43 -17.02 -2.03 3.23
C TYR A 43 -15.51 -1.94 3.27
N THR A 44 -14.94 -2.13 4.44
CA THR A 44 -13.48 -2.24 4.62
C THR A 44 -13.17 -3.59 5.26
N TYR A 45 -11.92 -4.01 5.14
CA TYR A 45 -11.44 -5.38 5.45
C TYR A 45 -10.19 -5.28 6.32
N GLU A 46 -10.19 -6.04 7.41
CA GLU A 46 -9.05 -6.12 8.35
C GLU A 46 -9.07 -7.52 8.96
N LYS A 47 -8.03 -8.34 8.67
CA LYS A 47 -7.81 -9.66 9.31
C LYS A 47 -9.10 -10.48 9.23
N GLY A 48 -9.70 -10.57 8.06
CA GLY A 48 -10.93 -11.36 7.84
C GLY A 48 -12.19 -10.61 8.24
N ASN A 49 -12.09 -9.46 8.91
CA ASN A 49 -13.27 -8.73 9.46
C ASN A 49 -13.68 -7.60 8.53
N LEU A 50 -14.98 -7.47 8.33
CA LEU A 50 -15.62 -6.47 7.44
C LEU A 50 -16.31 -5.41 8.30
N VAL A 51 -16.14 -4.14 7.90
CA VAL A 51 -16.91 -3.02 8.46
C VAL A 51 -17.68 -2.38 7.29
N ASN A 52 -18.99 -2.36 7.41
CA ASN A 52 -19.92 -1.83 6.39
C ASN A 52 -19.86 -0.30 6.39
N TYR A 53 -19.81 0.31 5.19
CA TYR A 53 -20.00 1.77 5.01
C TYR A 53 -21.23 1.95 4.14
N LEU A 54 -21.12 1.92 2.81
CA LEU A 54 -22.32 2.02 1.94
C LEU A 54 -23.15 0.73 2.01
N ALA A 55 -22.53 -0.44 2.19
CA ALA A 55 -23.22 -1.76 2.24
C ALA A 55 -24.05 -1.81 3.53
N GLU A 56 -25.22 -2.46 3.46
CA GLU A 56 -25.99 -2.89 4.64
C GLU A 56 -25.66 -4.36 4.91
N LYS A 57 -25.45 -5.16 3.86
CA LYS A 57 -25.18 -6.62 3.98
C LYS A 57 -24.19 -7.07 2.91
N VAL A 58 -23.22 -7.87 3.35
CA VAL A 58 -22.18 -8.47 2.48
C VAL A 58 -22.17 -9.95 2.78
N ASP A 59 -22.57 -10.77 1.82
CA ASP A 59 -22.65 -12.24 2.01
C ASP A 59 -21.83 -12.93 0.94
N PHE A 60 -20.83 -13.69 1.40
CA PHE A 60 -19.94 -14.47 0.53
C PHE A 60 -20.32 -15.94 0.68
N LYS A 61 -21.01 -16.50 -0.30
CA LYS A 61 -21.58 -17.88 -0.22
C LYS A 61 -20.67 -18.82 -1.02
N ASP A 62 -20.15 -19.85 -0.35
CA ASP A 62 -19.37 -20.97 -0.95
C ASP A 62 -18.05 -20.45 -1.55
N SER A 63 -17.50 -19.33 -1.06
CA SER A 63 -16.30 -18.68 -1.63
C SER A 63 -16.49 -18.37 -3.13
N LYS A 64 -17.74 -18.23 -3.59
CA LYS A 64 -18.03 -18.18 -5.06
C LYS A 64 -18.99 -17.04 -5.44
N GLU A 65 -19.93 -16.68 -4.57
CA GLU A 65 -21.02 -15.72 -4.89
C GLU A 65 -21.07 -14.63 -3.82
N LEU A 66 -20.65 -13.43 -4.16
CA LEU A 66 -20.63 -12.27 -3.23
C LEU A 66 -21.86 -11.40 -3.47
N THR A 67 -22.82 -11.43 -2.55
CA THR A 67 -24.03 -10.58 -2.60
C THR A 67 -23.79 -9.37 -1.71
N ILE A 68 -24.00 -8.17 -2.27
CA ILE A 68 -23.79 -6.85 -1.61
C ILE A 68 -25.08 -6.05 -1.77
N LYS A 69 -25.72 -5.72 -0.65
CA LYS A 69 -26.92 -4.85 -0.59
C LYS A 69 -26.52 -3.51 0.01
N LEU A 70 -26.87 -2.42 -0.69
CA LEU A 70 -26.66 -1.03 -0.21
C LEU A 70 -27.64 -0.76 0.92
N LYS A 71 -27.27 0.10 1.87
CA LYS A 71 -28.23 0.79 2.76
C LYS A 71 -29.24 1.52 1.88
N SER A 72 -30.45 1.72 2.37
CA SER A 72 -31.48 2.52 1.66
C SER A 72 -31.26 4.01 1.96
N ASN A 73 -31.77 4.89 1.10
CA ASN A 73 -31.78 6.36 1.30
C ASN A 73 -30.34 6.95 1.21
N LEU A 74 -29.41 6.26 0.57
CA LEU A 74 -28.05 6.82 0.30
C LEU A 74 -28.20 7.85 -0.81
N LYS A 75 -27.51 8.98 -0.70
CA LYS A 75 -27.51 10.04 -1.74
C LYS A 75 -26.09 10.33 -2.14
N TRP A 76 -25.85 10.49 -3.44
CA TRP A 76 -24.71 11.28 -3.95
C TRP A 76 -24.83 12.72 -3.42
N HIS A 77 -23.71 13.42 -3.41
CA HIS A 77 -23.54 14.81 -2.92
C HIS A 77 -24.44 15.77 -3.71
N ASP A 78 -24.95 15.34 -4.87
CA ASP A 78 -25.84 16.18 -5.72
C ASP A 78 -27.33 15.81 -5.50
N GLY A 79 -27.63 14.88 -4.59
CA GLY A 79 -29.01 14.49 -4.23
C GLY A 79 -29.48 13.21 -4.89
N LYS A 80 -28.87 12.79 -6.00
CA LYS A 80 -29.20 11.53 -6.73
C LYS A 80 -29.07 10.33 -5.79
N PRO A 81 -30.00 9.36 -5.86
CA PRO A 81 -29.90 8.16 -5.05
C PRO A 81 -28.67 7.32 -5.44
N ILE A 82 -28.09 6.63 -4.47
CA ILE A 82 -27.07 5.56 -4.70
C ILE A 82 -27.82 4.23 -4.71
N THR A 83 -27.74 3.50 -5.81
CA THR A 83 -28.50 2.24 -6.05
C THR A 83 -27.54 1.19 -6.59
N ALA A 84 -28.04 -0.03 -6.83
CA ALA A 84 -27.28 -1.15 -7.44
C ALA A 84 -26.75 -0.74 -8.83
N GLU A 85 -27.47 0.14 -9.53
CA GLU A 85 -27.05 0.65 -10.87
C GLU A 85 -25.64 1.25 -10.76
N ASP A 86 -25.38 2.03 -9.72
CA ASP A 86 -24.08 2.69 -9.49
C ASP A 86 -23.04 1.62 -9.18
N VAL A 87 -23.39 0.61 -8.40
CA VAL A 87 -22.44 -0.48 -8.03
C VAL A 87 -22.11 -1.32 -9.28
N LEU A 88 -23.13 -1.71 -10.05
CA LEU A 88 -23.00 -2.49 -11.31
C LEU A 88 -22.13 -1.69 -12.29
N PHE A 89 -22.48 -0.43 -12.51
CA PHE A 89 -21.71 0.52 -13.36
C PHE A 89 -20.23 0.55 -12.93
N THR A 90 -19.95 0.60 -11.62
CA THR A 90 -18.58 0.78 -11.08
C THR A 90 -17.74 -0.45 -11.41
N PHE A 91 -18.23 -1.65 -11.10
CA PHE A 91 -17.53 -2.92 -11.38
C PHE A 91 -17.32 -3.10 -12.89
N ASN A 92 -18.34 -2.77 -13.67
CA ASN A 92 -18.32 -2.89 -15.15
C ASN A 92 -17.23 -1.98 -15.67
N THR A 93 -17.14 -0.75 -15.17
CA THR A 93 -16.12 0.24 -15.58
C THR A 93 -14.74 -0.34 -15.26
N VAL A 94 -14.56 -0.92 -14.07
CA VAL A 94 -13.24 -1.47 -13.64
C VAL A 94 -12.87 -2.66 -14.53
N LEU A 95 -13.83 -3.53 -14.85
CA LEU A 95 -13.62 -4.69 -15.74
C LEU A 95 -13.31 -4.24 -17.19
N ASP A 96 -13.82 -3.09 -17.62
CA ASP A 96 -13.64 -2.58 -19.00
C ASP A 96 -12.14 -2.28 -19.22
N GLU A 97 -11.45 -3.06 -20.06
CA GLU A 97 -9.97 -2.95 -20.25
C GLU A 97 -9.61 -1.60 -20.88
N LYS A 98 -10.53 -1.01 -21.64
CA LYS A 98 -10.34 0.31 -22.30
C LYS A 98 -10.20 1.42 -21.23
N GLN A 99 -10.65 1.20 -19.99
CA GLN A 99 -10.57 2.20 -18.89
C GLN A 99 -9.22 2.09 -18.18
N ASN A 100 -8.54 0.96 -18.34
CA ASN A 100 -7.20 0.69 -17.77
C ASN A 100 -7.23 1.00 -16.27
N SER A 101 -8.25 0.51 -15.56
CA SER A 101 -8.37 0.66 -14.09
C SER A 101 -7.27 -0.16 -13.42
N PRO A 102 -6.47 0.41 -12.49
CA PRO A 102 -5.59 -0.39 -11.63
C PRO A 102 -6.34 -1.40 -10.74
N SER A 103 -7.61 -1.16 -10.42
CA SER A 103 -8.42 -2.10 -9.60
C SER A 103 -8.87 -3.33 -10.40
N ARG A 104 -8.54 -3.44 -11.69
CA ARG A 104 -9.14 -4.50 -12.54
C ARG A 104 -8.73 -5.87 -11.98
N GLN A 105 -7.48 -6.03 -11.52
CA GLN A 105 -6.95 -7.28 -10.90
C GLN A 105 -7.97 -7.85 -9.88
N TYR A 106 -8.65 -6.99 -9.12
CA TYR A 106 -9.54 -7.42 -8.00
C TYR A 106 -10.84 -8.03 -8.53
N LEU A 107 -11.15 -7.89 -9.84
CA LEU A 107 -12.40 -8.43 -10.45
C LEU A 107 -12.06 -9.56 -11.43
N LEU A 108 -10.80 -10.00 -11.44
CA LEU A 108 -10.31 -11.22 -12.14
C LEU A 108 -10.11 -12.33 -11.10
N VAL A 109 -10.34 -13.58 -11.51
CA VAL A 109 -9.96 -14.81 -10.75
C VAL A 109 -9.15 -15.68 -11.71
N GLY A 110 -7.85 -15.77 -11.49
CA GLY A 110 -6.89 -16.14 -12.56
C GLY A 110 -6.79 -14.99 -13.55
N GLU A 111 -7.14 -15.21 -14.82
CA GLU A 111 -7.12 -14.14 -15.84
C GLU A 111 -8.54 -13.94 -16.38
N LYS A 112 -9.52 -14.62 -15.76
CA LYS A 112 -10.94 -14.63 -16.18
C LYS A 112 -11.71 -13.65 -15.31
N PRO A 113 -12.57 -12.80 -15.91
CA PRO A 113 -13.34 -11.86 -15.12
C PRO A 113 -14.50 -12.54 -14.36
N VAL A 114 -14.81 -11.98 -13.21
CA VAL A 114 -16.03 -12.34 -12.44
C VAL A 114 -17.22 -11.81 -13.23
N LYS A 115 -18.41 -12.34 -12.98
CA LYS A 115 -19.68 -11.81 -13.53
C LYS A 115 -20.34 -10.96 -12.46
N VAL A 116 -20.92 -9.84 -12.87
CA VAL A 116 -21.60 -8.86 -11.99
C VAL A 116 -23.02 -8.67 -12.55
N GLU A 117 -24.02 -8.71 -11.67
CA GLU A 117 -25.44 -8.59 -12.09
C GLU A 117 -26.25 -7.88 -11.00
N LYS A 118 -27.23 -7.09 -11.44
CA LYS A 118 -28.21 -6.43 -10.54
C LYS A 118 -29.18 -7.52 -10.06
N ILE A 119 -29.37 -7.65 -8.75
CA ILE A 119 -30.33 -8.61 -8.13
C ILE A 119 -31.63 -7.85 -7.86
N ASP A 120 -31.54 -6.60 -7.41
CA ASP A 120 -32.71 -5.71 -7.18
C ASP A 120 -32.22 -4.26 -7.01
N ASP A 121 -33.11 -3.37 -6.60
CA ASP A 121 -32.82 -1.91 -6.61
C ASP A 121 -31.55 -1.60 -5.80
N LEU A 122 -31.30 -2.27 -4.66
CA LEU A 122 -30.15 -1.96 -3.78
C LEU A 122 -29.07 -3.04 -3.86
N THR A 123 -29.27 -4.15 -4.60
CA THR A 123 -28.43 -5.37 -4.46
C THR A 123 -27.78 -5.77 -5.78
N VAL A 124 -26.54 -6.22 -5.68
CA VAL A 124 -25.68 -6.66 -6.79
C VAL A 124 -25.14 -8.03 -6.35
N LYS A 125 -24.87 -8.92 -7.29
CA LYS A 125 -24.22 -10.23 -7.00
C LYS A 125 -23.02 -10.36 -7.93
N ILE A 126 -21.87 -10.69 -7.34
CA ILE A 126 -20.62 -11.07 -8.05
C ILE A 126 -20.46 -12.60 -7.96
N THR A 127 -20.29 -13.25 -9.11
CA THR A 127 -20.04 -14.70 -9.23
C THR A 127 -18.62 -14.88 -9.78
N LEU A 128 -17.76 -15.50 -8.97
CA LEU A 128 -16.36 -15.87 -9.29
C LEU A 128 -16.35 -17.05 -10.27
N PRO A 129 -15.51 -17.04 -11.33
CA PRO A 129 -15.50 -18.14 -12.30
C PRO A 129 -15.06 -19.44 -11.61
N THR A 130 -14.03 -19.38 -10.76
CA THR A 130 -13.68 -20.44 -9.78
C THR A 130 -13.59 -19.86 -8.36
N ALA A 131 -14.02 -20.63 -7.36
CA ALA A 131 -14.15 -20.16 -5.95
C ALA A 131 -12.75 -19.86 -5.40
N SER A 132 -12.60 -18.75 -4.64
CA SER A 132 -11.36 -18.38 -3.90
C SER A 132 -11.73 -17.51 -2.70
N GLU A 133 -11.17 -17.81 -1.52
CA GLU A 133 -11.32 -16.97 -0.29
C GLU A 133 -10.50 -15.68 -0.45
N SER A 134 -9.67 -15.61 -1.49
CA SER A 134 -8.74 -14.49 -1.76
C SER A 134 -9.48 -13.23 -2.24
N PHE A 135 -10.80 -13.25 -2.30
CA PHE A 135 -11.58 -12.32 -3.15
C PHE A 135 -12.04 -11.09 -2.35
N LEU A 136 -12.41 -11.27 -1.08
CA LEU A 136 -13.15 -10.26 -0.26
C LEU A 136 -12.37 -8.97 -0.07
N TYR A 137 -11.07 -9.07 0.22
CA TYR A 137 -10.20 -7.89 0.43
C TYR A 137 -10.25 -7.00 -0.82
N GLY A 138 -10.07 -7.58 -2.00
CA GLY A 138 -9.91 -6.76 -3.23
C GLY A 138 -11.14 -5.92 -3.51
N ILE A 139 -12.32 -6.49 -3.31
CA ILE A 139 -13.62 -5.82 -3.62
C ILE A 139 -13.76 -4.63 -2.69
N SER A 140 -13.24 -4.73 -1.47
CA SER A 140 -13.25 -3.63 -0.46
C SER A 140 -12.53 -2.39 -1.02
N LYS A 141 -11.54 -2.56 -1.90
CA LYS A 141 -10.73 -1.44 -2.46
C LYS A 141 -11.44 -0.73 -3.62
N ILE A 142 -12.61 -1.21 -4.06
CA ILE A 142 -13.41 -0.50 -5.11
C ILE A 142 -14.57 0.27 -4.47
N SER A 143 -14.49 1.60 -4.48
CA SER A 143 -15.57 2.47 -3.94
C SER A 143 -16.45 2.87 -5.09
N PRO A 144 -17.79 2.84 -4.94
CA PRO A 144 -18.69 3.27 -6.00
C PRO A 144 -18.43 4.67 -6.56
N ILE A 145 -18.64 4.80 -7.86
CA ILE A 145 -18.73 6.10 -8.58
C ILE A 145 -20.14 6.21 -9.15
N PRO A 146 -20.64 7.44 -9.34
CA PRO A 146 -22.00 7.65 -9.84
C PRO A 146 -22.10 7.45 -11.36
N LYS A 147 -22.99 6.54 -11.74
CA LYS A 147 -23.32 6.22 -13.15
C LYS A 147 -23.79 7.49 -13.88
N HIS A 148 -24.63 8.29 -13.23
CA HIS A 148 -25.26 9.51 -13.81
C HIS A 148 -24.18 10.56 -14.13
N VAL A 149 -23.03 10.52 -13.46
CA VAL A 149 -21.88 11.42 -13.77
C VAL A 149 -21.00 10.79 -14.86
N PHE A 150 -20.67 9.50 -14.76
CA PHE A 150 -19.54 8.95 -15.54
C PHE A 150 -19.98 8.08 -16.73
N GLU A 151 -21.26 7.77 -16.95
CA GLU A 151 -21.67 6.79 -18.00
C GLU A 151 -21.15 7.23 -19.39
N GLY A 152 -21.06 8.51 -19.72
CA GLY A 152 -20.58 8.97 -21.05
C GLY A 152 -19.09 8.74 -21.36
N GLU A 153 -18.25 8.43 -20.38
CA GLU A 153 -16.84 8.87 -20.39
C GLU A 153 -15.91 7.76 -20.86
N SER A 154 -15.14 8.03 -21.91
CA SER A 154 -14.08 7.13 -22.45
C SER A 154 -12.95 6.92 -21.44
N ASN A 155 -12.75 7.86 -20.50
CA ASN A 155 -11.60 7.82 -19.57
C ASN A 155 -12.03 8.40 -18.22
N ILE A 156 -12.63 7.56 -17.37
CA ILE A 156 -13.16 7.99 -16.06
C ILE A 156 -12.03 8.66 -15.26
N ALA A 157 -10.79 8.16 -15.36
CA ALA A 157 -9.64 8.71 -14.59
C ALA A 157 -9.43 10.19 -14.96
N LYS A 158 -9.11 10.48 -16.21
CA LYS A 158 -8.86 11.84 -16.75
C LYS A 158 -10.13 12.26 -17.51
N SER A 159 -11.20 12.53 -16.75
CA SER A 159 -12.48 13.09 -17.23
C SER A 159 -12.66 14.52 -16.66
N GLU A 160 -13.28 15.39 -17.46
CA GLU A 160 -13.69 16.75 -17.03
C GLU A 160 -14.62 16.62 -15.83
N LYS A 161 -15.43 15.55 -15.78
CA LYS A 161 -16.53 15.35 -14.81
C LYS A 161 -15.98 15.19 -13.39
N ASN A 162 -14.67 15.00 -13.24
CA ASN A 162 -13.97 14.93 -11.92
C ASN A 162 -13.80 16.32 -11.32
N ASN A 163 -14.10 17.39 -12.06
CA ASN A 163 -13.63 18.77 -11.76
C ASN A 163 -14.33 19.24 -10.48
N ASN A 164 -15.66 19.22 -10.44
CA ASN A 164 -16.42 19.31 -9.16
C ASN A 164 -16.83 17.89 -8.78
N PRO A 165 -16.07 17.19 -7.89
CA PRO A 165 -16.30 15.77 -7.63
C PRO A 165 -17.62 15.52 -6.87
N VAL A 166 -18.41 14.59 -7.39
CA VAL A 166 -19.71 14.21 -6.79
C VAL A 166 -19.52 12.88 -6.08
N GLY A 167 -19.56 12.91 -4.75
CA GLY A 167 -19.20 11.78 -3.91
C GLY A 167 -20.36 11.22 -3.12
N SER A 168 -20.00 10.34 -2.19
CA SER A 168 -20.90 9.59 -1.28
C SER A 168 -20.47 9.83 0.17
N GLY A 169 -19.29 10.42 0.37
CA GLY A 169 -18.56 10.42 1.64
C GLY A 169 -19.09 11.43 2.65
N ALA A 170 -18.40 11.48 3.78
CA ALA A 170 -18.76 12.27 4.97
C ALA A 170 -18.55 13.77 4.72
N PHE A 171 -17.76 14.13 3.70
CA PHE A 171 -17.45 15.53 3.33
C PHE A 171 -17.59 15.70 1.82
N LYS A 172 -18.14 16.85 1.39
CA LYS A 172 -18.24 17.20 -0.05
C LYS A 172 -17.26 18.34 -0.35
N PHE A 173 -16.85 18.40 -1.61
CA PHE A 173 -15.99 19.47 -2.16
C PHE A 173 -16.70 20.80 -1.89
N LYS A 174 -15.94 21.79 -1.44
CA LYS A 174 -16.50 23.15 -1.14
C LYS A 174 -15.81 24.16 -2.04
N GLU A 175 -14.48 24.19 -2.04
CA GLU A 175 -13.66 25.15 -2.82
C GLU A 175 -12.20 24.70 -2.86
N TRP A 176 -11.51 25.22 -3.87
CA TRP A 176 -10.13 24.85 -4.27
C TRP A 176 -9.39 26.14 -4.57
N LYS A 177 -8.05 26.07 -4.60
CA LYS A 177 -7.12 27.19 -4.93
C LYS A 177 -5.86 26.55 -5.52
N LYS A 178 -5.75 26.53 -6.85
CA LYS A 178 -4.76 25.72 -7.62
C LYS A 178 -3.47 25.59 -6.79
N GLY A 179 -3.05 24.35 -6.48
CA GLY A 179 -1.78 24.04 -5.81
C GLY A 179 -1.54 24.85 -4.55
N GLU A 180 -2.56 25.08 -3.72
CA GLU A 180 -2.44 25.71 -2.38
C GLU A 180 -3.32 24.95 -1.37
N SER A 181 -4.61 24.80 -1.70
CA SER A 181 -5.70 24.50 -0.74
C SER A 181 -6.81 23.72 -1.44
N ILE A 182 -7.46 22.81 -0.74
CA ILE A 182 -8.79 22.27 -1.13
C ILE A 182 -9.59 22.00 0.14
N VAL A 183 -10.82 22.49 0.19
CA VAL A 183 -11.66 22.46 1.41
C VAL A 183 -12.87 21.56 1.11
N PHE A 184 -13.19 20.66 2.04
CA PHE A 184 -14.40 19.81 1.99
C PHE A 184 -15.22 20.10 3.25
N GLU A 185 -16.51 20.30 3.08
CA GLU A 185 -17.47 20.68 4.13
C GLU A 185 -18.20 19.40 4.53
N LYS A 186 -18.54 19.25 5.80
CA LYS A 186 -19.27 18.07 6.27
C LYS A 186 -20.54 17.90 5.43
N ASN A 187 -20.87 16.65 5.13
CA ASN A 187 -22.03 16.29 4.29
C ASN A 187 -23.24 16.18 5.19
N ALA A 188 -24.16 17.14 5.11
CA ALA A 188 -25.39 17.12 5.95
C ALA A 188 -26.13 15.79 5.75
N ASP A 189 -25.96 15.12 4.61
CA ASP A 189 -26.75 13.92 4.22
C ASP A 189 -25.96 12.64 4.48
N TYR A 190 -24.78 12.70 5.09
CA TYR A 190 -23.93 11.52 5.29
C TYR A 190 -24.75 10.41 5.97
N PHE A 191 -24.65 9.17 5.47
CA PHE A 191 -25.49 8.02 5.91
C PHE A 191 -25.22 7.65 7.37
N GLY A 192 -24.00 7.89 7.86
CA GLY A 192 -23.61 7.55 9.24
C GLY A 192 -23.88 8.71 10.18
N GLY A 193 -23.29 8.66 11.37
CA GLY A 193 -23.35 9.76 12.38
C GLY A 193 -22.68 11.02 11.87
N GLU A 194 -23.33 12.17 12.08
CA GLU A 194 -22.89 13.54 11.68
C GLU A 194 -21.39 13.68 11.93
N PRO A 195 -20.60 14.07 10.91
CA PRO A 195 -19.15 14.21 11.09
C PRO A 195 -18.88 15.18 12.26
N LYS A 196 -17.77 14.93 12.96
CA LYS A 196 -17.43 15.64 14.22
C LYS A 196 -16.58 16.86 13.92
N ALA A 197 -16.25 17.09 12.64
CA ALA A 197 -15.54 18.28 12.16
C ALA A 197 -16.40 18.87 11.05
N ASP A 198 -16.41 20.19 10.95
CA ASP A 198 -17.29 20.91 10.00
C ASP A 198 -16.64 20.91 8.62
N SER A 199 -15.33 20.78 8.57
CA SER A 199 -14.58 20.87 7.30
C SER A 199 -13.23 20.16 7.41
N ILE A 200 -12.72 19.75 6.27
CA ILE A 200 -11.31 19.32 6.10
C ILE A 200 -10.70 20.24 5.05
N ALA A 201 -9.61 20.92 5.41
CA ALA A 201 -8.73 21.61 4.46
C ALA A 201 -7.45 20.78 4.37
N LEU A 202 -7.09 20.42 3.13
CA LEU A 202 -5.73 19.95 2.75
C LEU A 202 -4.94 21.18 2.31
N LYS A 203 -3.85 21.50 2.99
CA LYS A 203 -3.02 22.68 2.65
C LYS A 203 -1.69 22.18 2.10
N ILE A 204 -1.25 22.74 0.97
CA ILE A 204 0.11 22.50 0.41
C ILE A 204 1.04 23.60 0.94
N ILE A 205 2.10 23.19 1.65
CA ILE A 205 3.18 24.08 2.19
C ILE A 205 4.52 23.46 1.82
N PRO A 206 5.12 23.78 0.63
CA PRO A 206 6.37 23.16 0.18
C PRO A 206 7.58 23.38 1.10
N ASN A 207 7.68 24.60 1.64
CA ASN A 207 8.71 25.05 2.60
C ASN A 207 8.53 24.30 3.92
N GLU A 208 9.48 23.43 4.27
CA GLU A 208 9.40 22.41 5.37
C GLU A 208 9.54 23.06 6.76
N ALA A 209 10.29 24.16 6.88
CA ALA A 209 10.31 24.97 8.12
C ALA A 209 8.94 25.61 8.34
N SER A 210 8.26 26.02 7.26
CA SER A 210 6.88 26.54 7.32
C SER A 210 5.95 25.42 7.77
N GLN A 211 6.09 24.23 7.18
CA GLN A 211 5.38 22.99 7.61
C GLN A 211 5.49 22.86 9.14
N GLU A 212 6.72 22.86 9.67
CA GLU A 212 7.04 22.72 11.13
C GLU A 212 6.47 23.93 11.90
N ALA A 213 6.61 25.14 11.36
CA ALA A 213 6.06 26.39 11.97
C ALA A 213 4.53 26.29 12.03
N ALA A 214 3.93 25.88 10.90
CA ALA A 214 2.47 25.71 10.72
C ALA A 214 1.98 24.73 11.79
N LEU A 215 2.71 23.65 12.03
CA LEU A 215 2.39 22.65 13.08
C LEU A 215 2.57 23.28 14.47
N ASN A 216 3.73 23.87 14.74
CA ASN A 216 4.01 24.51 16.06
C ASN A 216 3.00 25.66 16.25
N ASN A 217 2.68 26.43 15.21
CA ASN A 217 1.74 27.58 15.34
C ASN A 217 0.28 27.11 15.40
N GLY A 218 -0.03 25.84 15.09
CA GLY A 218 -1.41 25.31 15.10
C GLY A 218 -2.21 25.69 13.86
N GLU A 219 -1.54 26.04 12.75
CA GLU A 219 -2.17 26.32 11.43
C GLU A 219 -2.48 25.03 10.68
N ILE A 220 -1.95 23.88 11.14
CA ILE A 220 -2.33 22.53 10.62
C ILE A 220 -2.51 21.61 11.85
N SER A 221 -3.47 20.70 11.75
CA SER A 221 -3.89 19.76 12.81
C SER A 221 -2.89 18.59 12.88
N LEU A 222 -2.29 18.24 11.75
CA LEU A 222 -1.67 16.90 11.49
C LEU A 222 -0.64 17.02 10.37
N MET A 223 0.52 16.37 10.52
CA MET A 223 1.46 16.15 9.40
C MET A 223 2.25 14.87 9.62
N LYS A 224 2.67 14.29 8.52
CA LYS A 224 3.75 13.29 8.42
C LYS A 224 5.07 14.06 8.48
N THR A 225 6.04 13.54 9.23
CA THR A 225 7.32 14.21 9.55
C THR A 225 8.51 13.32 9.20
N SER A 226 9.68 13.96 9.03
CA SER A 226 11.03 13.35 9.06
C SER A 226 11.25 12.63 10.41
N ALA A 227 12.27 11.76 10.44
CA ALA A 227 12.82 11.12 11.65
C ALA A 227 13.27 12.22 12.62
N GLU A 228 13.97 13.23 12.08
CA GLU A 228 14.29 14.50 12.76
C GLU A 228 13.02 15.09 13.38
N GLY A 229 12.02 15.40 12.53
CA GLY A 229 10.80 16.14 12.89
C GLY A 229 10.00 15.42 13.95
N TYR A 230 10.00 14.08 13.93
CA TYR A 230 9.26 13.23 14.88
C TYR A 230 9.87 13.39 16.27
N GLU A 231 11.20 13.28 16.35
CA GLU A 231 11.92 13.37 17.64
C GLU A 231 11.66 14.77 18.20
N LYS A 232 11.83 15.81 17.38
CA LYS A 232 11.48 17.22 17.73
C LYS A 232 10.09 17.27 18.37
N ALA A 233 9.06 16.87 17.61
CA ALA A 233 7.64 16.96 18.01
C ALA A 233 7.43 16.24 19.35
N LYS A 234 8.23 15.22 19.67
CA LYS A 234 8.07 14.42 20.90
C LYS A 234 8.40 15.29 22.12
N SER A 235 9.37 16.20 21.98
CA SER A 235 9.83 17.14 23.04
C SER A 235 8.82 18.26 23.27
N ASN A 236 7.82 18.44 22.38
CA ASN A 236 6.89 19.61 22.40
C ASN A 236 5.59 19.26 23.15
N SER A 237 5.27 20.06 24.15
CA SER A 237 4.20 19.88 25.17
C SER A 237 2.80 20.01 24.55
N ASN A 238 2.70 20.73 23.43
CA ASN A 238 1.42 21.00 22.70
C ASN A 238 1.08 19.83 21.75
N LEU A 239 2.08 19.28 21.05
CA LEU A 239 1.91 18.24 20.00
C LEU A 239 1.75 16.86 20.62
N GLN A 240 1.12 15.94 19.88
CA GLN A 240 1.10 14.48 20.18
C GLN A 240 1.80 13.77 19.02
N THR A 241 2.31 12.56 19.23
CA THR A 241 2.95 11.78 18.16
C THR A 241 2.31 10.40 18.07
N TYR A 242 2.39 9.79 16.89
CA TYR A 242 1.90 8.41 16.65
C TYR A 242 2.54 7.93 15.35
N THR A 243 2.65 6.60 15.23
CA THR A 243 3.10 5.93 14.00
C THR A 243 2.06 4.88 13.62
N TYR A 244 1.96 4.60 12.34
CA TYR A 244 1.07 3.54 11.82
C TYR A 244 1.80 2.91 10.62
N SER A 245 1.51 1.64 10.33
CA SER A 245 2.11 0.90 9.18
C SER A 245 1.62 1.47 7.86
N GLU A 246 2.55 1.67 6.94
CA GLU A 246 2.28 1.88 5.50
C GLU A 246 1.83 0.56 4.85
N GLU A 247 1.88 -0.56 5.57
CA GLU A 247 1.58 -1.90 4.99
C GLU A 247 2.47 -2.11 3.76
N ARG A 248 3.76 -1.80 3.91
CA ARG A 248 4.77 -1.78 2.83
C ARG A 248 6.05 -2.45 3.30
N LEU A 249 6.62 -3.31 2.45
CA LEU A 249 7.94 -3.94 2.71
C LEU A 249 8.98 -3.19 1.86
N ASN A 250 10.01 -2.67 2.53
CA ASN A 250 11.26 -2.23 1.89
C ASN A 250 12.21 -3.43 1.91
N TYR A 251 12.95 -3.60 0.83
CA TYR A 251 13.83 -4.77 0.62
C TYR A 251 14.87 -4.47 -0.46
N ILE A 252 15.83 -5.38 -0.61
CA ILE A 252 16.77 -5.41 -1.76
C ILE A 252 16.51 -6.70 -2.52
N VAL A 253 16.21 -6.60 -3.80
CA VAL A 253 16.08 -7.79 -4.69
C VAL A 253 17.43 -8.08 -5.35
N PHE A 254 17.86 -9.35 -5.32
CA PHE A 254 19.01 -9.87 -6.10
C PHE A 254 18.57 -10.12 -7.56
N ASN A 255 19.25 -9.47 -8.51
CA ASN A 255 18.95 -9.54 -9.96
C ASN A 255 19.53 -10.83 -10.55
N GLN A 256 18.74 -11.89 -10.54
CA GLN A 256 19.19 -13.26 -10.89
C GLN A 256 19.35 -13.39 -12.41
N ASN A 257 19.14 -12.31 -13.17
CA ASN A 257 19.64 -12.23 -14.57
C ASN A 257 21.17 -12.31 -14.56
N ILE A 258 21.79 -11.94 -13.44
CA ILE A 258 23.26 -12.01 -13.24
C ILE A 258 23.60 -13.33 -12.53
N SER A 259 24.53 -14.10 -13.09
CA SER A 259 24.85 -15.49 -12.68
C SER A 259 25.20 -15.54 -11.19
N ASN A 260 25.93 -14.56 -10.69
CA ASN A 260 26.39 -14.51 -9.28
C ASN A 260 25.21 -14.42 -8.32
N MET A 261 24.20 -13.64 -8.70
CA MET A 261 22.97 -13.38 -7.92
C MET A 261 22.01 -14.56 -8.08
N ALA A 262 22.10 -15.28 -9.20
CA ALA A 262 21.26 -16.47 -9.46
C ALA A 262 21.68 -17.59 -8.52
N ASN A 263 22.84 -17.43 -7.85
CA ASN A 263 23.46 -18.42 -6.92
C ASN A 263 22.91 -18.26 -5.50
N LYS A 264 22.20 -19.25 -4.99
CA LYS A 264 21.51 -19.21 -3.67
C LYS A 264 22.53 -18.96 -2.56
N GLU A 265 23.63 -19.71 -2.54
CA GLU A 265 24.68 -19.59 -1.49
C GLU A 265 25.21 -18.15 -1.45
N VAL A 266 25.40 -17.52 -2.61
CA VAL A 266 25.88 -16.10 -2.71
C VAL A 266 24.82 -15.15 -2.13
N ARG A 267 23.55 -15.37 -2.45
CA ARG A 267 22.42 -14.52 -1.98
C ARG A 267 22.36 -14.65 -0.46
N GLN A 268 22.47 -15.87 0.06
CA GLN A 268 22.44 -16.16 1.52
C GLN A 268 23.60 -15.40 2.17
N ALA A 269 24.80 -15.51 1.57
CA ALA A 269 26.05 -14.90 2.08
C ALA A 269 25.88 -13.38 2.17
N LEU A 270 25.41 -12.75 1.10
CA LEU A 270 25.28 -11.26 1.04
C LEU A 270 24.23 -10.81 2.05
N SER A 271 23.24 -11.66 2.31
CA SER A 271 22.18 -11.42 3.33
C SER A 271 22.82 -11.41 4.73
N TYR A 272 23.65 -12.40 5.07
CA TYR A 272 24.41 -12.45 6.35
C TYR A 272 25.33 -11.22 6.48
N ALA A 273 25.87 -10.66 5.40
CA ALA A 273 26.75 -9.47 5.48
C ALA A 273 25.95 -8.19 5.73
N LEU A 274 24.64 -8.16 5.44
CA LEU A 274 23.85 -6.91 5.49
C LEU A 274 23.26 -6.76 6.91
N ASN A 275 22.79 -5.57 7.28
CA ASN A 275 22.13 -5.35 8.60
C ASN A 275 20.96 -4.38 8.46
N ARG A 276 19.74 -4.93 8.45
CA ARG A 276 18.47 -4.18 8.41
C ARG A 276 18.37 -3.21 9.60
N ASN A 277 18.91 -3.56 10.76
CA ASN A 277 18.89 -2.68 11.98
C ASN A 277 19.71 -1.41 11.72
N GLU A 278 20.88 -1.50 11.09
CA GLU A 278 21.69 -0.29 10.74
C GLU A 278 20.98 0.52 9.67
N MET A 279 20.42 -0.14 8.66
CA MET A 279 19.69 0.55 7.55
C MET A 279 18.50 1.29 8.16
N ILE A 280 17.75 0.62 9.00
CA ILE A 280 16.55 1.21 9.67
C ILE A 280 16.99 2.48 10.42
N GLU A 281 18.01 2.37 11.27
CA GLU A 281 18.51 3.52 12.07
C GLU A 281 18.90 4.67 11.13
N SER A 282 19.61 4.38 10.05
CA SER A 282 20.01 5.42 9.06
C SER A 282 18.79 6.20 8.59
N ALA A 283 17.62 5.58 8.50
CA ALA A 283 16.42 6.15 7.84
C ALA A 283 15.45 6.75 8.86
N TYR A 284 15.35 6.17 10.05
CA TYR A 284 14.33 6.48 11.08
C TYR A 284 14.94 7.05 12.37
N GLY A 285 16.28 7.11 12.47
CA GLY A 285 16.95 7.39 13.75
C GLY A 285 16.56 6.34 14.77
N LYS A 286 16.49 6.70 16.05
CA LYS A 286 16.41 5.72 17.17
C LYS A 286 14.93 5.35 17.38
N GLU A 287 14.01 6.16 16.86
CA GLU A 287 12.58 5.75 16.73
C GLU A 287 12.52 4.38 16.03
N GLY A 288 13.34 4.19 15.00
CA GLY A 288 13.43 2.93 14.22
C GLY A 288 12.14 2.62 13.49
N SER A 289 11.92 1.34 13.16
CA SER A 289 10.82 0.90 12.30
C SER A 289 10.31 -0.43 12.82
N VAL A 290 9.77 -1.26 11.95
CA VAL A 290 9.49 -2.69 12.27
C VAL A 290 10.36 -3.50 11.33
N PRO A 291 11.44 -4.11 11.85
CA PRO A 291 12.29 -4.99 11.06
C PRO A 291 11.51 -6.15 10.41
N ALA A 292 11.83 -6.44 9.16
CA ALA A 292 11.09 -7.43 8.34
C ALA A 292 11.97 -8.63 8.01
N LYS A 293 11.40 -9.83 8.11
CA LYS A 293 11.99 -11.09 7.58
C LYS A 293 11.05 -11.73 6.56
N SER A 294 9.74 -11.56 6.74
CA SER A 294 8.71 -12.23 5.90
C SER A 294 8.39 -11.37 4.68
N ILE A 295 8.04 -12.03 3.59
CA ILE A 295 7.55 -11.34 2.36
C ILE A 295 6.20 -10.67 2.62
N LEU A 296 5.40 -11.14 3.58
CA LEU A 296 4.09 -10.51 3.90
C LEU A 296 4.31 -9.38 4.93
N VAL A 297 3.46 -8.35 4.92
CA VAL A 297 3.47 -7.29 5.97
C VAL A 297 2.71 -7.82 7.19
N PRO A 298 3.05 -7.36 8.40
CA PRO A 298 2.35 -7.78 9.62
C PRO A 298 0.80 -7.68 9.58
N GLU A 299 0.24 -6.69 8.86
CA GLU A 299 -1.23 -6.49 8.79
C GLU A 299 -1.91 -7.50 7.85
N ALA A 300 -1.15 -8.25 7.05
CA ALA A 300 -1.72 -9.17 6.04
C ALA A 300 -2.21 -10.46 6.71
N ASP A 301 -3.27 -11.05 6.14
CA ASP A 301 -3.80 -12.39 6.47
C ASP A 301 -2.65 -13.40 6.36
N PHE A 302 -2.46 -14.18 7.43
CA PHE A 302 -1.55 -15.35 7.53
C PHE A 302 -0.09 -14.91 7.66
N TYR A 303 0.19 -13.65 7.99
CA TYR A 303 1.57 -13.21 8.28
C TYR A 303 2.13 -14.07 9.42
N THR A 304 3.41 -14.42 9.34
CA THR A 304 4.15 -15.07 10.45
C THR A 304 5.64 -14.92 10.19
N GLU A 305 6.42 -14.89 11.27
CA GLU A 305 7.89 -14.85 11.32
C GLU A 305 8.42 -16.22 11.80
N GLU A 306 7.53 -17.09 12.26
CA GLU A 306 7.90 -18.42 12.78
C GLU A 306 8.56 -19.25 11.65
N GLY A 307 9.82 -19.62 11.85
CA GLY A 307 10.58 -20.49 10.94
C GLY A 307 10.97 -19.74 9.69
N VAL A 308 10.96 -18.40 9.77
CA VAL A 308 11.34 -17.49 8.67
C VAL A 308 12.76 -17.00 8.90
N GLU A 309 13.66 -17.35 7.98
CA GLU A 309 15.09 -17.02 8.08
C GLU A 309 15.28 -15.54 7.75
N GLY A 310 15.97 -14.82 8.62
CA GLY A 310 16.26 -13.38 8.48
C GLY A 310 17.74 -13.11 8.20
N TYR A 311 18.61 -14.11 8.27
CA TYR A 311 20.04 -13.91 7.93
C TYR A 311 20.66 -12.86 8.85
N ASP A 312 20.40 -12.97 10.16
CA ASP A 312 20.84 -12.00 11.21
C ASP A 312 22.34 -11.79 11.01
N GLN A 313 22.78 -10.53 10.96
CA GLN A 313 24.13 -10.22 10.46
C GLN A 313 25.18 -11.08 11.17
N ASP A 314 26.16 -11.54 10.41
CA ASP A 314 27.18 -12.52 10.83
C ASP A 314 28.26 -12.52 9.75
N THR A 315 29.14 -11.51 9.78
CA THR A 315 30.16 -11.22 8.73
C THR A 315 31.04 -12.46 8.52
N ASN A 316 31.35 -13.19 9.59
CA ASN A 316 32.14 -14.44 9.51
C ASN A 316 31.45 -15.39 8.54
N LYS A 317 30.21 -15.77 8.87
CA LYS A 317 29.40 -16.77 8.12
C LYS A 317 29.19 -16.30 6.69
N ALA A 318 29.09 -14.97 6.47
CA ALA A 318 29.01 -14.36 5.12
C ALA A 318 30.25 -14.79 4.30
N LYS A 319 31.46 -14.41 4.73
CA LYS A 319 32.72 -14.75 4.01
C LYS A 319 32.84 -16.27 3.85
N ASP A 320 32.50 -17.05 4.89
CA ASP A 320 32.57 -18.53 4.84
C ASP A 320 31.64 -19.07 3.73
N LEU A 321 30.46 -18.47 3.54
CA LEU A 321 29.51 -18.89 2.48
C LEU A 321 30.07 -18.48 1.12
N LEU A 322 30.47 -17.21 0.98
CA LEU A 322 31.08 -16.64 -0.27
C LEU A 322 32.24 -17.53 -0.72
N ASP A 323 33.16 -17.84 0.20
CA ASP A 323 34.28 -18.79 0.00
C ASP A 323 33.72 -20.13 -0.48
N LYS A 324 32.78 -20.73 0.25
CA LYS A 324 32.23 -22.09 -0.07
C LYS A 324 31.58 -22.11 -1.45
N SER A 325 31.00 -20.99 -1.90
CA SER A 325 30.24 -20.91 -3.18
C SER A 325 31.19 -21.00 -4.40
N GLY A 326 32.48 -20.74 -4.21
CA GLY A 326 33.48 -20.75 -5.31
C GLY A 326 33.42 -19.46 -6.10
N VAL A 327 32.32 -18.72 -6.01
CA VAL A 327 32.14 -17.43 -6.73
C VAL A 327 33.06 -16.39 -6.07
N LYS A 328 33.66 -15.51 -6.89
CA LYS A 328 34.57 -14.42 -6.47
C LYS A 328 33.98 -13.09 -6.92
N ILE A 329 33.67 -12.19 -5.97
CA ILE A 329 33.04 -10.86 -6.19
C ILE A 329 33.87 -9.80 -5.46
N ASP A 330 34.38 -8.81 -6.19
CA ASP A 330 35.05 -7.64 -5.57
C ASP A 330 34.23 -6.40 -5.93
N LYS A 331 33.23 -6.52 -6.81
CA LYS A 331 32.40 -5.35 -7.23
C LYS A 331 30.96 -5.77 -7.44
N LEU A 332 30.01 -4.92 -7.02
CA LEU A 332 28.56 -5.05 -7.28
C LEU A 332 27.99 -3.67 -7.59
N LYS A 333 26.79 -3.63 -8.12
CA LYS A 333 26.02 -2.39 -8.37
C LYS A 333 24.69 -2.51 -7.61
N ILE A 334 24.31 -1.45 -6.89
CA ILE A 334 23.00 -1.35 -6.20
C ILE A 334 22.27 -0.15 -6.77
N GLY A 335 21.14 -0.41 -7.44
CA GLY A 335 20.23 0.65 -7.90
C GLY A 335 19.18 0.97 -6.86
N TYR A 336 18.66 2.19 -6.90
CA TYR A 336 17.55 2.66 -6.03
C TYR A 336 16.81 3.80 -6.73
N ASN A 337 15.57 3.97 -6.31
CA ASN A 337 14.61 5.00 -6.75
C ASN A 337 14.86 6.26 -5.90
N THR A 338 15.35 7.34 -6.50
CA THR A 338 15.60 8.62 -5.76
C THR A 338 14.27 9.14 -5.20
N GLY A 339 13.13 8.70 -5.77
CA GLY A 339 11.77 9.15 -5.39
C GLY A 339 11.21 8.44 -4.16
N ARG A 340 11.98 7.60 -3.45
CA ARG A 340 11.41 6.83 -2.30
C ARG A 340 12.14 7.13 -0.99
N PHE A 341 11.36 7.31 0.09
CA PHE A 341 11.85 7.37 1.49
C PHE A 341 12.84 6.22 1.76
N GLY A 342 13.96 6.52 2.39
CA GLY A 342 14.83 5.54 3.06
C GLY A 342 15.75 4.79 2.11
N HIS A 343 15.46 4.76 0.81
CA HIS A 343 16.10 3.83 -0.14
C HIS A 343 17.57 4.22 -0.40
N LYS A 344 17.84 5.51 -0.61
CA LYS A 344 19.22 6.06 -0.67
C LYS A 344 19.99 5.63 0.57
N ASN A 345 19.38 5.74 1.75
CA ASN A 345 20.06 5.43 3.03
C ASN A 345 20.37 3.93 3.03
N TYR A 346 19.42 3.12 2.58
CA TYR A 346 19.52 1.64 2.58
C TYR A 346 20.70 1.26 1.67
N ALA A 347 20.87 1.94 0.55
CA ALA A 347 21.92 1.70 -0.47
C ALA A 347 23.29 2.01 0.15
N LEU A 348 23.45 3.23 0.68
CA LEU A 348 24.69 3.72 1.34
C LEU A 348 25.11 2.75 2.45
N VAL A 349 24.19 2.36 3.31
CA VAL A 349 24.49 1.40 4.42
C VAL A 349 24.88 0.04 3.82
N ALA A 350 24.14 -0.46 2.83
CA ALA A 350 24.44 -1.74 2.13
C ALA A 350 25.90 -1.71 1.65
N GLN A 351 26.29 -0.57 1.08
CA GLN A 351 27.66 -0.34 0.56
C GLN A 351 28.69 -0.53 1.69
N GLN A 352 28.48 0.19 2.79
CA GLN A 352 29.43 0.20 3.93
C GLN A 352 29.57 -1.24 4.43
N GLU A 353 28.46 -2.00 4.47
CA GLU A 353 28.43 -3.37 5.05
C GLU A 353 29.09 -4.39 4.09
N LEU A 354 29.08 -4.11 2.79
CA LEU A 354 29.61 -5.05 1.77
C LEU A 354 31.14 -4.91 1.71
N LYS A 355 31.65 -3.68 1.78
CA LYS A 355 33.10 -3.39 1.89
C LYS A 355 33.77 -4.31 2.93
N LYS A 356 33.10 -4.59 4.05
CA LYS A 356 33.65 -5.38 5.18
C LYS A 356 33.81 -6.87 4.81
N ILE A 357 33.21 -7.37 3.73
CA ILE A 357 33.50 -8.75 3.22
C ILE A 357 34.22 -8.66 1.87
N GLY A 358 34.77 -7.48 1.55
CA GLY A 358 35.75 -7.28 0.46
C GLY A 358 35.10 -6.89 -0.85
N ILE A 359 33.92 -6.26 -0.79
CA ILE A 359 33.12 -5.93 -2.02
C ILE A 359 32.96 -4.40 -2.14
N GLU A 360 33.31 -3.87 -3.30
CA GLU A 360 33.14 -2.46 -3.68
C GLU A 360 31.79 -2.32 -4.42
N ALA A 361 30.76 -1.92 -3.69
CA ALA A 361 29.39 -1.72 -4.20
C ALA A 361 29.26 -0.27 -4.70
N GLU A 362 28.99 -0.09 -5.99
CA GLU A 362 28.65 1.22 -6.58
C GLU A 362 27.15 1.44 -6.38
N ILE A 363 26.76 2.67 -6.05
CA ILE A 363 25.36 3.15 -5.85
C ILE A 363 24.93 3.74 -7.17
N VAL A 364 23.73 3.43 -7.65
CA VAL A 364 23.19 3.94 -8.94
C VAL A 364 21.82 4.55 -8.67
N PRO A 365 21.70 5.90 -8.62
CA PRO A 365 20.40 6.53 -8.42
C PRO A 365 19.63 6.37 -9.72
N TYR A 366 18.32 6.21 -9.62
CA TYR A 366 17.40 6.23 -10.78
C TYR A 366 16.20 7.11 -10.43
N GLU A 367 15.74 7.97 -11.33
CA GLU A 367 14.44 8.66 -11.13
C GLU A 367 13.36 7.57 -11.21
N SER A 368 12.17 7.82 -10.69
CA SER A 368 11.14 6.78 -10.39
C SER A 368 10.73 6.00 -11.65
N LYS A 369 10.36 6.68 -12.74
CA LYS A 369 9.94 6.03 -14.02
C LYS A 369 11.07 5.16 -14.60
N ALA A 370 12.29 5.67 -14.71
CA ALA A 370 13.49 4.91 -15.17
C ALA A 370 13.72 3.70 -14.25
N PHE A 371 13.49 3.87 -12.94
CA PHE A 371 13.78 2.80 -11.96
C PHE A 371 12.91 1.59 -12.30
N PHE A 372 11.59 1.78 -12.33
CA PHE A 372 10.63 0.68 -12.55
C PHE A 372 10.82 0.09 -13.94
N ASN A 373 11.23 0.91 -14.92
CA ASN A 373 11.47 0.44 -16.30
C ASN A 373 12.66 -0.54 -16.30
N ILE A 374 13.67 -0.29 -15.47
CA ILE A 374 14.86 -1.18 -15.39
C ILE A 374 14.53 -2.38 -14.47
N LEU A 375 13.85 -2.16 -13.34
CA LEU A 375 13.51 -3.27 -12.39
C LEU A 375 12.70 -4.35 -13.10
N PHE A 376 11.64 -3.93 -13.78
CA PHE A 376 10.69 -4.83 -14.49
C PHE A 376 11.20 -5.01 -15.92
N SER A 377 12.41 -5.55 -16.04
CA SER A 377 13.12 -5.86 -17.32
C SER A 377 14.08 -6.99 -17.01
N ASN A 378 14.66 -7.61 -18.03
CA ASN A 378 15.72 -8.63 -17.82
C ASN A 378 17.10 -7.97 -17.86
N SER A 379 17.18 -6.66 -17.66
CA SER A 379 18.46 -5.89 -17.70
C SER A 379 19.44 -6.44 -16.66
N THR A 380 20.75 -6.34 -16.93
CA THR A 380 21.81 -6.71 -15.97
C THR A 380 22.53 -5.46 -15.45
N GLU A 381 21.92 -4.29 -15.56
CA GLU A 381 22.53 -2.99 -15.15
C GLU A 381 22.96 -3.09 -13.67
N CYS A 382 22.07 -3.49 -12.75
CA CYS A 382 22.45 -3.66 -11.31
C CYS A 382 22.29 -5.10 -10.85
N ASP A 383 23.25 -5.52 -9.99
CA ASP A 383 23.26 -6.78 -9.22
C ASP A 383 22.09 -6.80 -8.23
N MET A 384 21.73 -5.63 -7.71
CA MET A 384 20.78 -5.50 -6.57
C MET A 384 19.96 -4.24 -6.77
N TYR A 385 18.67 -4.29 -6.48
CA TYR A 385 17.81 -3.09 -6.46
C TYR A 385 17.14 -2.99 -5.10
N VAL A 386 17.16 -1.78 -4.54
CA VAL A 386 16.34 -1.47 -3.35
C VAL A 386 14.97 -1.15 -3.91
N ASN A 387 13.94 -1.75 -3.33
CA ASN A 387 12.54 -1.49 -3.73
C ASN A 387 11.63 -1.58 -2.50
N GLY A 388 10.38 -1.16 -2.67
CA GLY A 388 9.27 -1.43 -1.74
C GLY A 388 8.05 -1.85 -2.51
N TYR A 389 7.21 -2.68 -1.91
CA TYR A 389 5.89 -3.03 -2.46
C TYR A 389 4.84 -2.88 -1.35
N ALA A 390 3.59 -2.73 -1.78
CA ALA A 390 2.38 -2.71 -0.94
C ALA A 390 1.29 -3.45 -1.70
N TRP A 391 1.11 -4.74 -1.40
CA TRP A 391 0.29 -5.69 -2.20
C TRP A 391 -1.08 -5.93 -1.55
N GLY A 392 -1.26 -5.44 -0.33
CA GLY A 392 -2.56 -5.49 0.38
C GLY A 392 -2.57 -6.55 1.46
N LEU A 393 -3.76 -6.84 2.01
CA LEU A 393 -3.95 -7.69 3.22
C LEU A 393 -4.21 -9.14 2.81
N GLU A 394 -4.46 -9.41 1.52
CA GLU A 394 -4.60 -10.80 1.05
CA GLU A 394 -4.62 -10.79 1.00
C GLU A 394 -3.27 -11.22 0.41
N PRO A 395 -2.70 -12.37 0.84
CA PRO A 395 -1.34 -12.74 0.40
C PRO A 395 -1.18 -13.15 -1.08
N ASN A 396 -2.26 -13.49 -1.80
CA ASN A 396 -2.20 -14.04 -3.18
C ASN A 396 -1.40 -13.13 -4.10
N PRO A 397 -1.74 -11.82 -4.27
CA PRO A 397 -1.07 -11.01 -5.28
C PRO A 397 0.42 -10.75 -4.97
N TYR A 398 0.89 -11.10 -3.77
CA TYR A 398 2.33 -11.01 -3.42
C TYR A 398 3.10 -11.94 -4.38
N ARG A 399 2.41 -12.92 -4.97
CA ARG A 399 3.05 -13.89 -5.90
C ARG A 399 3.68 -13.14 -7.06
N GLY A 400 3.24 -11.91 -7.34
CA GLY A 400 3.81 -11.01 -8.36
C GLY A 400 5.32 -10.88 -8.24
N MET A 401 5.89 -10.90 -7.03
CA MET A 401 7.35 -10.68 -6.84
C MET A 401 8.12 -12.01 -6.80
N PHE A 402 7.44 -13.16 -6.79
CA PHE A 402 8.12 -14.45 -6.43
C PHE A 402 7.82 -15.58 -7.42
N GLU A 403 6.66 -15.58 -8.05
CA GLU A 403 6.24 -16.72 -8.89
C GLU A 403 6.96 -16.64 -10.24
N THR A 404 7.57 -17.75 -10.68
CA THR A 404 8.28 -17.87 -11.98
C THR A 404 7.43 -17.22 -13.08
N GLY A 405 7.98 -16.30 -13.85
CA GLY A 405 7.37 -15.72 -15.07
C GLY A 405 6.55 -14.47 -14.81
N GLN A 406 6.33 -14.09 -13.56
CA GLN A 406 5.56 -12.87 -13.19
C GLN A 406 6.29 -11.62 -13.73
N TYR A 407 5.54 -10.65 -14.26
CA TYR A 407 6.10 -9.35 -14.74
C TYR A 407 6.95 -8.70 -13.64
N CYS A 408 6.49 -8.70 -12.38
CA CYS A 408 7.18 -8.02 -11.25
C CYS A 408 8.30 -8.92 -10.68
N ASN A 409 8.62 -10.01 -11.37
CA ASN A 409 9.70 -10.96 -11.00
C ASN A 409 10.52 -11.21 -12.26
N GLN A 410 10.86 -10.17 -13.01
CA GLN A 410 11.80 -10.30 -14.13
C GLN A 410 13.23 -10.33 -13.56
N THR A 411 13.36 -10.19 -12.23
CA THR A 411 14.61 -10.41 -11.46
C THR A 411 14.85 -11.92 -11.28
N LYS A 412 13.93 -12.76 -11.78
CA LYS A 412 14.13 -14.20 -12.03
C LYS A 412 14.36 -14.97 -10.73
N TYR A 413 13.54 -14.77 -9.71
CA TYR A 413 13.42 -15.79 -8.65
C TYR A 413 12.58 -16.94 -9.20
N SER A 414 13.07 -18.19 -9.07
CA SER A 414 12.35 -19.40 -9.52
C SER A 414 12.47 -20.53 -8.51
N ASN A 415 11.33 -21.01 -8.04
CA ASN A 415 11.19 -22.21 -7.20
C ASN A 415 9.86 -22.87 -7.55
N ALA A 416 9.91 -23.93 -8.35
CA ALA A 416 8.71 -24.59 -8.92
C ALA A 416 7.79 -25.06 -7.79
N GLU A 417 8.35 -25.50 -6.65
CA GLU A 417 7.58 -26.05 -5.51
C GLU A 417 6.80 -24.91 -4.84
N ILE A 418 7.43 -23.76 -4.68
CA ILE A 418 6.78 -22.56 -4.07
C ILE A 418 5.76 -22.03 -5.08
N ASP A 419 6.10 -22.06 -6.38
CA ASP A 419 5.14 -21.71 -7.47
C ASP A 419 3.86 -22.52 -7.23
N ALA A 420 4.00 -23.82 -6.95
CA ALA A 420 2.85 -24.74 -6.76
C ALA A 420 2.08 -24.35 -5.48
N LEU A 421 2.77 -23.90 -4.44
CA LEU A 421 2.16 -23.51 -3.13
C LEU A 421 1.30 -22.27 -3.32
N TRP A 422 1.82 -21.28 -4.05
CA TRP A 422 1.05 -20.06 -4.39
C TRP A 422 -0.33 -20.48 -4.94
N GLU A 423 -0.33 -21.34 -5.96
CA GLU A 423 -1.59 -21.75 -6.65
C GLU A 423 -2.48 -22.52 -5.67
N LYS A 424 -1.88 -23.37 -4.85
CA LYS A 424 -2.59 -24.18 -3.84
C LYS A 424 -3.27 -23.24 -2.83
N GLY A 425 -2.54 -22.27 -2.30
CA GLY A 425 -3.09 -21.23 -1.39
C GLY A 425 -4.26 -20.48 -2.00
N PHE A 426 -4.22 -20.22 -3.31
CA PHE A 426 -5.26 -19.46 -4.05
C PHE A 426 -6.54 -20.28 -4.11
N THR A 427 -6.45 -21.60 -4.33
CA THR A 427 -7.62 -22.49 -4.54
C THR A 427 -8.11 -23.07 -3.20
N GLU A 428 -7.25 -23.18 -2.19
CA GLU A 428 -7.65 -23.75 -0.87
C GLU A 428 -8.71 -22.85 -0.23
N LEU A 429 -9.94 -23.37 -0.04
CA LEU A 429 -11.10 -22.63 0.54
C LEU A 429 -11.08 -22.68 2.07
N ASN A 430 -10.43 -23.66 2.70
CA ASN A 430 -10.36 -23.80 4.17
C ASN A 430 -9.36 -22.78 4.75
N LYS A 431 -9.81 -21.92 5.66
CA LYS A 431 -9.02 -20.79 6.21
C LYS A 431 -7.75 -21.31 6.91
N GLU A 432 -7.90 -22.37 7.71
CA GLU A 432 -6.81 -22.92 8.55
C GLU A 432 -5.76 -23.56 7.63
N LYS A 433 -6.20 -24.23 6.56
CA LYS A 433 -5.30 -24.83 5.55
C LYS A 433 -4.56 -23.70 4.84
N ARG A 434 -5.28 -22.65 4.39
CA ARG A 434 -4.65 -21.46 3.74
C ARG A 434 -3.52 -20.98 4.65
N GLU A 435 -3.81 -20.81 5.94
CA GLU A 435 -2.81 -20.33 6.91
C GLU A 435 -1.55 -21.21 6.87
N GLU A 436 -1.69 -22.54 6.79
CA GLU A 436 -0.53 -23.46 6.78
C GLU A 436 0.25 -23.26 5.46
N ILE A 437 -0.46 -23.14 4.34
CA ILE A 437 0.21 -22.96 3.02
C ILE A 437 1.03 -21.66 3.03
N TYR A 438 0.46 -20.51 3.44
CA TYR A 438 1.15 -19.20 3.40
C TYR A 438 2.29 -19.18 4.42
N LYS A 439 2.11 -19.87 5.53
CA LYS A 439 3.22 -20.10 6.50
C LYS A 439 4.40 -20.75 5.75
N GLN A 440 4.13 -21.84 5.03
CA GLN A 440 5.17 -22.63 4.30
C GLN A 440 5.84 -21.73 3.25
N ILE A 441 5.04 -20.96 2.50
CA ILE A 441 5.55 -20.00 1.46
C ILE A 441 6.51 -18.99 2.11
N GLN A 442 6.13 -18.40 3.25
CA GLN A 442 6.97 -17.39 3.95
C GLN A 442 8.29 -18.03 4.42
N GLN A 443 8.22 -19.25 4.93
CA GLN A 443 9.42 -20.01 5.39
C GLN A 443 10.31 -20.37 4.20
N ASP A 444 9.74 -21.06 3.21
CA ASP A 444 10.55 -21.62 2.09
C ASP A 444 11.12 -20.48 1.24
N ILE A 445 10.39 -19.38 1.08
CA ILE A 445 10.96 -18.24 0.28
C ILE A 445 12.17 -17.69 1.04
N SER A 446 12.10 -17.55 2.37
CA SER A 446 13.22 -16.96 3.16
C SER A 446 14.47 -17.83 3.00
N LYS A 447 14.30 -19.15 2.92
CA LYS A 447 15.41 -20.11 2.70
C LYS A 447 16.08 -19.90 1.33
N ASP A 448 15.41 -19.29 0.35
CA ASP A 448 16.01 -19.04 -0.99
C ASP A 448 16.68 -17.66 -1.03
N ALA A 449 16.41 -16.78 -0.07
CA ALA A 449 16.91 -15.37 -0.07
C ALA A 449 16.82 -14.73 -1.46
N PRO A 450 15.65 -14.73 -2.12
CA PRO A 450 15.49 -13.98 -3.37
C PRO A 450 15.62 -12.47 -3.13
N ILE A 451 15.25 -12.05 -1.91
CA ILE A 451 15.39 -10.65 -1.44
C ILE A 451 15.98 -10.62 -0.03
N TYR A 452 16.60 -9.49 0.31
CA TYR A 452 16.93 -9.10 1.69
C TYR A 452 15.85 -8.13 2.20
N THR A 453 15.00 -8.61 3.08
CA THR A 453 13.88 -7.85 3.67
C THR A 453 14.46 -6.90 4.70
N ILE A 454 14.09 -5.62 4.65
CA ILE A 454 14.67 -4.55 5.51
C ILE A 454 13.64 -4.20 6.59
N ASP A 455 12.56 -3.50 6.24
CA ASP A 455 11.53 -3.13 7.25
C ASP A 455 10.13 -3.10 6.63
N TYR A 456 9.14 -3.17 7.52
CA TYR A 456 7.72 -2.80 7.29
C TYR A 456 7.57 -1.30 7.60
N GLU A 457 7.42 -0.51 6.54
CA GLU A 457 7.58 0.97 6.54
C GLU A 457 6.54 1.56 7.47
N GLN A 458 6.96 2.50 8.29
CA GLN A 458 6.12 3.09 9.37
C GLN A 458 6.00 4.59 9.07
N ASN A 459 4.83 5.16 9.29
CA ASN A 459 4.55 6.59 9.06
C ASN A 459 4.71 7.33 10.41
N LEU A 460 5.51 8.40 10.42
CA LEU A 460 5.85 9.20 11.63
C LEU A 460 4.99 10.46 11.63
N MET A 461 4.01 10.53 12.51
CA MET A 461 2.95 11.56 12.46
C MET A 461 3.05 12.46 13.71
N ALA A 462 2.90 13.77 13.51
CA ALA A 462 2.72 14.79 14.58
C ALA A 462 1.42 15.57 14.33
N ALA A 463 0.67 15.81 15.41
CA ALA A 463 -0.60 16.56 15.41
C ALA A 463 -0.69 17.41 16.67
N GLN A 464 -1.65 18.34 16.68
CA GLN A 464 -2.00 19.15 17.86
C GLN A 464 -2.47 18.19 18.94
N LYS A 465 -2.21 18.51 20.22
CA LYS A 465 -2.70 17.72 21.37
C LYS A 465 -4.21 17.63 21.28
N ASN A 466 -4.85 18.65 20.69
CA ASN A 466 -6.33 18.79 20.70
C ASN A 466 -6.96 18.11 19.45
N LEU A 467 -6.21 17.38 18.63
CA LEU A 467 -6.83 16.50 17.57
C LEU A 467 -7.28 15.19 18.20
N LYS A 468 -8.60 14.97 18.23
CA LYS A 468 -9.26 13.82 18.89
C LYS A 468 -9.78 12.87 17.81
N GLY A 469 -10.14 11.65 18.18
CA GLY A 469 -10.80 10.66 17.31
C GLY A 469 -9.87 9.98 16.31
N ILE A 470 -8.55 10.13 16.48
CA ILE A 470 -7.49 9.54 15.60
C ILE A 470 -7.68 8.02 15.50
N LYS A 471 -7.66 7.32 16.62
CA LYS A 471 -7.91 5.86 16.75
C LYS A 471 -9.21 5.50 16.02
N ASP A 472 -10.29 6.20 16.31
CA ASP A 472 -11.64 5.93 15.72
C ASP A 472 -11.59 6.13 14.20
N ALA A 473 -10.87 7.15 13.76
CA ALA A 473 -10.72 7.48 12.32
C ALA A 473 -9.91 6.38 11.62
N LYS A 474 -9.07 5.66 12.36
CA LYS A 474 -8.24 4.49 11.92
C LYS A 474 -7.17 4.91 10.92
N PRO A 475 -5.95 5.27 11.39
CA PRO A 475 -4.83 5.56 10.50
C PRO A 475 -4.62 4.42 9.48
N SER A 476 -4.43 4.80 8.22
CA SER A 476 -4.52 3.88 7.05
C SER A 476 -3.56 4.35 5.99
N PRO A 477 -2.86 3.43 5.30
CA PRO A 477 -1.90 3.78 4.26
C PRO A 477 -2.59 4.58 3.15
N ALA A 478 -1.90 5.61 2.65
CA ALA A 478 -2.25 6.40 1.44
C ALA A 478 -3.48 7.28 1.69
N ILE A 479 -4.58 6.73 2.21
CA ILE A 479 -5.84 7.49 2.49
C ILE A 479 -5.68 8.33 3.77
N LEU A 480 -4.67 7.99 4.60
CA LEU A 480 -4.34 8.60 5.93
C LEU A 480 -5.33 8.13 6.99
N PHE A 481 -6.65 8.29 6.81
CA PHE A 481 -7.66 7.74 7.74
C PHE A 481 -8.72 6.98 6.95
N GLU A 482 -9.25 5.92 7.55
CA GLU A 482 -10.36 5.15 6.98
C GLU A 482 -11.66 5.96 7.12
N ASP A 483 -11.85 6.68 8.23
CA ASP A 483 -13.16 7.32 8.52
C ASP A 483 -12.92 8.73 9.06
N TRP A 484 -12.93 9.71 8.17
CA TRP A 484 -12.65 11.12 8.50
C TRP A 484 -13.75 11.70 9.38
N SER A 485 -14.93 11.06 9.46
CA SER A 485 -16.10 11.56 10.22
C SER A 485 -15.83 11.48 11.72
N LYS A 486 -14.79 10.75 12.14
CA LYS A 486 -14.50 10.50 13.57
C LYS A 486 -13.53 11.55 14.13
N LEU A 487 -12.90 12.35 13.28
CA LEU A 487 -11.86 13.29 13.72
C LEU A 487 -12.50 14.61 14.14
N TYR A 488 -11.91 15.29 15.13
CA TYR A 488 -12.31 16.65 15.57
C TYR A 488 -11.20 17.32 16.40
N VAL A 489 -11.22 18.65 16.48
CA VAL A 489 -10.29 19.44 17.33
C VAL A 489 -11.04 19.85 18.62
N GLU A 490 -10.47 19.55 19.78
CA GLU A 490 -11.14 19.70 21.11
C GLU A 490 -11.65 21.13 21.28
#